data_6EO7
#
_entry.id   6EO7
#
_cell.length_a   94.579
_cell.length_b   94.579
_cell.length_c   125.566
_cell.angle_alpha   90.00
_cell.angle_beta   90.00
_cell.angle_gamma   120.00
#
_symmetry.space_group_name_H-M   'P 32 2 1'
#
loop_
_entity.id
_entity.type
_entity.pdbx_description
1 polymer 'GA68B2 - MODIFIED HUMAN THROMBIN BINDING APTAMER'
2 polymer Prothrombin
3 polymer Prothrombin
4 non-polymer 'POTASSIUM ION'
5 non-polymer D-phenylalanyl-N-[(2S,3S)-6-{[amino(iminio)methyl]amino}-1-chloro-2-hydroxyhexan-3-yl]-L-prolinamide
6 non-polymer 'SODIUM ION'
7 non-polymer 2-acetamido-2-deoxy-beta-D-glucopyranose
8 water water
#
loop_
_entity_poly.entity_id
_entity_poly.type
_entity_poly.pdbx_seq_one_letter_code
_entity_poly.pdbx_strand_id
1 'polydeoxyribonucleotide' (DG)(DG)(DT)(8DT)(DG)(DG)(DT)(DG)(DT)(DG)(DG)(DT)(DT)(DG)(DG) D
2 'polypeptide(L)' TFGSGEADCGLRPLFEKKSLEDKTERELLESYIDGR L
3 'polypeptide(L)'
;IVEGSDAEIGMSPWQVMLFRKSPQELLCGASLISDRWVLTAAHCLLYPPWDKNFTENDLLVRIGKHSRTRYERNIEKISM
LEKIYIHPRYNWRENLDRDIALMKLKKPVAFSDYIHPVCLPDRETAASLLQAGYKGRVTGWGNLKETWTANVGKGQPSVL
QVVNLPIVERPVCKDSTRIRITDNMFCAGYKPDEGKRGDACEGDSGGPFVMKSPFNNRWYQMGIVSWGEGCDRDGKYGFY
THVFRLKKWIQKVIDQFGE
;
H
#
loop_
_chem_comp.id
_chem_comp.type
_chem_comp.name
_chem_comp.formula
0G6 peptide-like D-phenylalanyl-N-[(2S,3S)-6-{[amino(iminio)methyl]amino}-1-chloro-2-hydroxyhexan-3-yl]-L-prolinamide 'C21 H34 Cl N6 O3 1'
8DT DNA linking 5-(3-(acetamide-N-yl)-1-propen-1-yl)-2'-deoxyuridine 'C14 H20 N3 O9 P'
DG DNA linking 2'-DEOXYGUANOSINE-5'-MONOPHOSPHATE 'C10 H14 N5 O7 P'
DT DNA linking THYMIDINE-5'-MONOPHOSPHATE 'C10 H15 N2 O8 P'
K non-polymer 'POTASSIUM ION' 'K 1'
NA non-polymer 'SODIUM ION' 'Na 1'
NAG D-saccharide, beta linking 2-acetamido-2-deoxy-beta-D-glucopyranose 'C8 H15 N O6'
#
# COMPACT_ATOMS: atom_id res chain seq x y z
OP1 8DT A 4 -1.61 -21.02 -14.58
P 8DT A 4 -0.20 -20.78 -14.99
OP2 8DT A 4 0.07 -21.91 -15.97
O5' 8DT A 4 -0.39 -19.51 -15.98
C5' 8DT A 4 -1.09 -18.41 -15.40
C4' 8DT A 4 -1.44 -17.31 -16.35
C3' 8DT A 4 -2.19 -17.69 -17.57
O3' 8DT A 4 -3.11 -16.64 -17.94
C2' 8DT A 4 -1.13 -17.75 -18.63
O4' 8DT A 4 -0.21 -16.72 -16.73
C1' 8DT A 4 -0.19 -16.65 -18.15
N1 8DT A 4 1.17 -16.83 -18.60
C6 8DT A 4 1.88 -17.81 -18.06
C2 8DT A 4 1.78 -15.96 -19.47
O2 8DT A 4 1.15 -15.00 -19.91
N3 8DT A 4 3.09 -16.10 -19.83
C4 8DT A 4 3.79 -17.14 -19.32
O4 8DT A 4 5.02 -17.30 -19.63
C5 8DT A 4 3.19 -18.00 -18.45
C7 8DT A 4 3.87 -19.15 -17.82
C1 8DT A 4 5.14 -19.43 -17.97
C3 8DT A 4 5.83 -20.57 -17.23
N9 8DT A 4 7.13 -20.56 -17.86
C32 8DT A 4 8.34 -20.10 -17.46
O34 8DT A 4 9.22 -19.89 -18.35
C33 8DT A 4 8.64 -19.80 -15.99
N GLY B 5 24.37 3.91 -6.58
CA GLY B 5 23.45 2.81 -6.10
C GLY B 5 24.01 2.03 -4.88
N GLU B 6 23.23 2.15 -3.78
CA GLU B 6 23.49 1.59 -2.43
C GLU B 6 22.19 1.72 -1.50
N ALA B 7 21.88 2.93 -0.96
CA ALA B 7 20.55 3.21 -0.34
C ALA B 7 19.89 4.17 -1.34
N ASP B 8 19.44 3.59 -2.44
CA ASP B 8 18.72 4.35 -3.43
C ASP B 8 17.20 4.00 -3.29
N CYS B 9 16.73 3.67 -2.06
CA CYS B 9 15.29 3.53 -1.76
C CYS B 9 14.49 4.67 -2.36
N GLY B 10 13.38 4.32 -2.96
CA GLY B 10 12.42 5.33 -3.35
C GLY B 10 12.79 6.08 -4.56
N LEU B 11 13.78 5.57 -5.31
CA LEU B 11 14.11 6.20 -6.62
C LEU B 11 13.91 5.16 -7.69
N ARG B 12 13.00 5.39 -8.61
CA ARG B 12 12.63 4.35 -9.53
C ARG B 12 13.63 4.25 -10.68
N PRO B 13 14.06 3.04 -11.03
CA PRO B 13 14.92 2.86 -12.15
C PRO B 13 14.36 3.42 -13.44
N LEU B 14 13.06 3.28 -13.74
CA LEU B 14 12.53 3.81 -14.99
C LEU B 14 12.06 5.25 -14.97
N PHE B 15 12.21 5.92 -13.83
CA PHE B 15 11.74 7.29 -13.72
C PHE B 15 12.82 8.21 -13.17
N GLU B 16 12.91 8.39 -11.88
CA GLU B 16 13.87 9.34 -11.31
C GLU B 16 15.28 9.01 -11.87
N LYS B 17 15.66 7.73 -12.02
CA LYS B 17 17.04 7.40 -12.39
C LYS B 17 17.33 7.70 -13.84
N LYS B 18 16.27 7.91 -14.62
CA LYS B 18 16.36 8.33 -16.01
C LYS B 18 15.91 9.80 -16.21
N SER B 19 15.70 10.54 -15.13
CA SER B 19 15.12 11.90 -15.26
C SER B 19 13.84 11.95 -16.11
N LEU B 20 13.05 10.87 -16.09
CA LEU B 20 11.72 10.89 -16.64
C LEU B 20 10.74 11.03 -15.49
N GLU B 21 9.64 11.75 -15.76
CA GLU B 21 8.51 11.92 -14.83
C GLU B 21 7.37 11.02 -15.26
N ASP B 22 6.63 10.49 -14.28
CA ASP B 22 5.49 9.72 -14.67
C ASP B 22 4.37 10.76 -15.00
N LYS B 23 3.34 10.25 -15.65
CA LYS B 23 2.19 11.04 -16.08
C LYS B 23 1.43 11.85 -15.01
N THR B 24 1.45 11.50 -13.72
CA THR B 24 0.65 12.23 -12.73
C THR B 24 1.43 12.74 -11.57
N GLU B 25 2.73 12.48 -11.53
CA GLU B 25 3.47 12.94 -10.37
C GLU B 25 3.46 14.48 -10.22
N ARG B 26 3.39 15.20 -11.33
CA ARG B 26 3.14 16.66 -11.35
C ARG B 26 1.99 17.09 -10.37
N GLU B 27 0.89 16.34 -10.42
CA GLU B 27 -0.28 16.59 -9.57
C GLU B 27 0.11 16.59 -8.06
N LEU B 28 1.02 15.71 -7.67
CA LEU B 28 1.32 15.58 -6.24
C LEU B 28 2.15 16.76 -5.76
N LEU B 29 3.11 17.12 -6.61
CA LEU B 29 4.00 18.26 -6.34
C LEU B 29 3.19 19.58 -6.26
N GLU B 30 2.30 19.79 -7.22
CA GLU B 30 1.35 20.94 -7.13
C GLU B 30 0.57 20.96 -5.82
N SER B 31 0.26 19.82 -5.23
CA SER B 31 -0.51 19.85 -3.98
C SER B 31 0.27 20.41 -2.82
N TYR B 32 1.59 20.51 -2.91
CA TYR B 32 2.38 21.07 -1.79
C TYR B 32 2.34 22.63 -1.76
N ILE B 33 2.06 23.20 -2.92
CA ILE B 33 1.96 24.64 -3.13
C ILE B 33 0.53 25.09 -2.75
N ASP B 34 -0.43 24.75 -3.62
CA ASP B 34 -1.83 25.13 -3.47
C ASP B 34 -2.50 24.39 -2.32
N ILE C 1 -8.91 -0.39 -6.88
CA ILE C 1 -8.86 1.08 -7.02
C ILE C 1 -10.04 1.57 -7.86
N VAL C 2 -10.79 2.49 -7.29
CA VAL C 2 -11.91 3.13 -7.96
C VAL C 2 -11.54 4.46 -8.46
N GLU C 3 -11.84 4.65 -9.74
CA GLU C 3 -11.63 5.89 -10.48
C GLU C 3 -10.16 6.25 -10.65
N GLY C 4 -9.31 5.23 -10.85
CA GLY C 4 -7.88 5.45 -11.05
C GLY C 4 -7.60 5.19 -12.51
N SER C 5 -6.35 4.95 -12.82
CA SER C 5 -5.95 4.58 -14.16
C SER C 5 -4.87 3.54 -14.16
N ASP C 6 -4.59 3.02 -15.33
CA ASP C 6 -3.57 2.03 -15.50
C ASP C 6 -2.24 2.57 -15.06
N ALA C 7 -1.50 1.83 -14.26
CA ALA C 7 -0.15 2.23 -13.92
C ALA C 7 0.71 2.22 -15.17
N GLU C 8 1.71 3.10 -15.25
CA GLU C 8 2.80 2.86 -16.22
C GLU C 8 3.77 1.77 -15.71
N ILE C 9 4.50 1.15 -16.65
CA ILE C 9 5.47 0.14 -16.35
C ILE C 9 6.53 0.74 -15.48
N GLY C 10 6.89 0.04 -14.43
CA GLY C 10 7.88 0.54 -13.50
C GLY C 10 7.51 1.74 -12.63
N MET C 11 6.25 2.13 -12.63
CA MET C 11 5.75 3.25 -11.83
C MET C 11 5.73 3.01 -10.30
N SER C 12 5.50 1.77 -9.87
CA SER C 12 5.54 1.34 -8.41
C SER C 12 6.31 0.10 -8.28
N PRO C 13 7.63 0.19 -8.39
CA PRO C 13 8.43 -1.02 -8.39
C PRO C 13 8.50 -1.71 -7.05
N TRP C 14 8.03 -0.99 -6.03
CA TRP C 14 7.83 -1.54 -4.71
C TRP C 14 6.49 -2.26 -4.50
N GLN C 15 5.60 -2.29 -5.51
CA GLN C 15 4.31 -2.90 -5.34
C GLN C 15 4.48 -4.39 -5.28
N VAL C 16 3.85 -4.98 -4.28
CA VAL C 16 3.84 -6.42 -4.11
C VAL C 16 2.44 -7.00 -4.13
N MET C 17 2.32 -8.17 -4.74
CA MET C 17 1.01 -8.92 -4.76
C MET C 17 1.12 -10.04 -3.79
N LEU C 18 0.20 -10.11 -2.89
CA LEU C 18 0.18 -11.20 -1.90
C LEU C 18 -0.81 -12.24 -2.40
N PHE C 19 -0.40 -13.48 -2.50
CA PHE C 19 -1.15 -14.46 -3.34
C PHE C 19 -1.35 -15.75 -2.56
N ARG C 20 -2.58 -16.22 -2.55
CA ARG C 20 -2.91 -17.45 -1.86
C ARG C 20 -2.57 -18.63 -2.75
N LYS C 21 -1.85 -19.61 -2.20
CA LYS C 21 -1.43 -20.82 -2.96
C LYS C 21 -2.62 -21.69 -3.38
N SER C 22 -3.53 -22.04 -2.45
CA SER C 22 -4.64 -22.97 -2.83
C SER C 22 -5.96 -22.75 -2.12
N PRO C 23 -7.04 -22.41 -2.83
CA PRO C 23 -7.04 -22.09 -4.26
C PRO C 23 -6.18 -20.89 -4.61
N GLN C 24 -5.88 -20.79 -5.90
CA GLN C 24 -4.94 -19.82 -6.42
C GLN C 24 -5.65 -18.50 -6.60
N GLU C 25 -5.41 -17.56 -5.69
CA GLU C 25 -6.06 -16.24 -5.79
C GLU C 25 -5.24 -15.06 -5.18
N LEU C 26 -5.47 -13.89 -5.77
CA LEU C 26 -5.05 -12.63 -5.23
C LEU C 26 -5.66 -12.48 -3.85
N LEU C 27 -4.82 -12.20 -2.87
CA LEU C 27 -5.29 -11.84 -1.59
C LEU C 27 -5.25 -10.34 -1.28
N CYS C 28 -4.18 -9.62 -1.59
CA CYS C 28 -3.98 -8.25 -1.05
C CYS C 28 -2.84 -7.66 -1.77
N GLY C 29 -2.61 -6.40 -1.50
CA GLY C 29 -1.41 -5.78 -1.89
C GLY C 29 -0.39 -5.84 -0.78
N ALA C 30 0.79 -5.33 -1.10
CA ALA C 30 1.86 -5.16 -0.09
C ALA C 30 2.94 -4.28 -0.68
N SER C 31 4.01 -4.00 0.07
CA SER C 31 5.10 -3.18 -0.43
C SER C 31 6.46 -3.73 -0.03
N LEU C 32 7.44 -3.51 -0.90
CA LEU C 32 8.78 -4.01 -0.70
C LEU C 32 9.56 -2.91 0.01
N ILE C 33 10.05 -3.16 1.21
CA ILE C 33 10.81 -2.11 1.94
C ILE C 33 12.34 -2.39 2.09
N SER C 34 12.82 -3.57 1.72
CA SER C 34 14.25 -3.81 1.55
C SER C 34 14.33 -5.06 0.67
N ASP C 35 15.49 -5.69 0.64
CA ASP C 35 15.68 -6.88 -0.16
C ASP C 35 15.02 -8.08 0.44
N ARG C 36 14.70 -8.04 1.75
N ARG C 36 14.69 -8.06 1.74
CA ARG C 36 14.10 -9.20 2.43
CA ARG C 36 14.00 -9.23 2.31
C ARG C 36 12.79 -8.99 3.20
C ARG C 36 12.77 -9.00 3.21
N TRP C 37 12.26 -7.78 3.23
CA TRP C 37 11.11 -7.43 4.06
C TRP C 37 10.03 -6.77 3.20
N VAL C 38 8.82 -7.22 3.48
CA VAL C 38 7.64 -6.78 2.85
C VAL C 38 6.66 -6.36 3.95
N LEU C 39 6.02 -5.24 3.71
CA LEU C 39 5.03 -4.66 4.56
C LEU C 39 3.64 -4.88 3.99
N THR C 40 2.68 -5.18 4.86
CA THR C 40 1.27 -5.34 4.41
C THR C 40 0.32 -4.97 5.55
N ALA C 41 -0.99 -5.15 5.33
CA ALA C 41 -1.97 -4.97 6.39
C ALA C 41 -2.16 -6.29 7.11
N ALA C 42 -2.19 -6.21 8.42
CA ALA C 42 -2.48 -7.33 9.30
C ALA C 42 -3.78 -8.08 8.94
N HIS C 43 -4.84 -7.35 8.59
CA HIS C 43 -6.08 -8.03 8.28
C HIS C 43 -6.02 -8.90 7.06
N CYS C 44 -4.98 -8.75 6.22
CA CYS C 44 -4.79 -9.63 5.05
C CYS C 44 -4.38 -11.06 5.50
N LEU C 45 -3.74 -11.12 6.66
CA LEU C 45 -3.20 -12.36 7.23
C LEU C 45 -4.09 -12.94 8.31
N LEU C 46 -4.73 -12.06 9.11
CA LEU C 46 -5.51 -12.47 10.26
C LEU C 46 -6.76 -11.65 10.42
N TYR C 47 -7.89 -12.29 10.18
CA TYR C 47 -9.15 -11.67 10.36
C TYR C 47 -10.21 -12.77 10.69
N PRO C 48 -10.35 -13.05 11.99
CA PRO C 48 -11.19 -14.14 12.38
C PRO C 48 -12.60 -14.06 11.93
N PRO C 49 -13.21 -12.89 11.87
CA PRO C 49 -14.63 -12.92 11.44
C PRO C 49 -14.83 -13.41 10.01
N TRP C 50 -13.78 -13.43 9.20
CA TRP C 50 -13.88 -13.99 7.86
C TRP C 50 -13.12 -15.26 7.78
N ASP C 51 -12.88 -15.91 8.92
CA ASP C 51 -12.10 -17.15 8.95
C ASP C 51 -10.71 -17.11 8.32
N LYS C 52 -10.01 -15.98 8.46
CA LYS C 52 -8.75 -15.75 7.80
C LYS C 52 -7.72 -15.93 8.89
N ASN C 53 -6.80 -16.88 8.71
CA ASN C 53 -5.63 -17.02 9.61
C ASN C 53 -4.51 -17.72 8.87
N PHE C 54 -3.79 -17.03 8.00
CA PHE C 54 -2.76 -17.66 7.17
C PHE C 54 -1.45 -17.80 7.90
N THR C 55 -0.74 -18.88 7.62
CA THR C 55 0.69 -18.99 7.96
C THR C 55 1.53 -18.92 6.72
N GLU C 56 2.84 -18.86 7.00
CA GLU C 56 3.87 -18.64 6.03
C GLU C 56 3.66 -19.48 4.79
N ASN C 57 3.20 -20.69 5.00
CA ASN C 57 3.10 -21.66 3.92
C ASN C 57 1.91 -21.56 3.03
N ASP C 58 0.88 -20.83 3.43
CA ASP C 58 -0.31 -20.68 2.59
C ASP C 58 -0.08 -19.73 1.45
N LEU C 59 0.96 -18.90 1.61
CA LEU C 59 1.13 -17.70 0.82
C LEU C 59 2.43 -17.64 0.00
N LEU C 60 2.30 -16.99 -1.15
CA LEU C 60 3.40 -16.54 -1.95
C LEU C 60 3.37 -15.03 -1.97
N VAL C 61 4.51 -14.45 -2.25
CA VAL C 61 4.59 -13.05 -2.55
C VAL C 61 5.10 -12.84 -3.97
N ARG C 62 4.54 -11.91 -4.73
CA ARG C 62 4.89 -11.71 -6.10
C ARG C 62 5.24 -10.29 -6.38
N ILE C 63 6.44 -10.12 -6.92
CA ILE C 63 7.05 -8.82 -6.98
C ILE C 63 7.41 -8.50 -8.42
N GLY C 64 7.30 -7.23 -8.79
CA GLY C 64 7.61 -6.83 -10.14
C GLY C 64 6.44 -6.88 -11.14
N LYS C 65 5.20 -7.03 -10.67
CA LYS C 65 4.09 -7.30 -11.56
C LYS C 65 3.43 -6.02 -12.14
N HIS C 66 2.74 -6.23 -13.25
CA HIS C 66 1.91 -5.22 -13.87
C HIS C 66 0.55 -5.84 -14.13
N SER C 67 0.56 -6.91 -14.92
CA SER C 67 -0.70 -7.66 -15.13
C SER C 67 -1.25 -8.31 -13.84
N ARG C 68 -2.54 -8.25 -13.66
CA ARG C 68 -3.17 -8.92 -12.50
C ARG C 68 -3.07 -10.43 -12.59
N THR C 69 -3.33 -11.01 -13.76
CA THR C 69 -3.46 -12.49 -13.79
C THR C 69 -2.32 -13.24 -14.43
N ARG C 70 -1.67 -12.66 -15.44
CA ARG C 70 -0.63 -13.38 -16.19
C ARG C 70 0.63 -13.44 -15.37
N TYR C 71 1.26 -14.61 -15.35
CA TYR C 71 2.60 -14.79 -14.82
C TYR C 71 3.49 -14.07 -15.80
N GLU C 72 4.19 -13.05 -15.32
CA GLU C 72 4.99 -12.21 -16.20
C GLU C 72 6.45 -12.76 -16.29
N ARG C 73 6.59 -13.75 -17.18
CA ARG C 73 7.82 -14.49 -17.45
C ARG C 73 9.03 -13.57 -17.54
N ASN C 74 10.08 -13.87 -16.77
CA ASN C 74 11.31 -13.06 -16.77
C ASN C 74 11.23 -11.65 -16.19
N ILE C 75 10.05 -11.28 -15.67
CA ILE C 75 9.86 -9.94 -15.05
C ILE C 75 9.59 -10.07 -13.55
N GLU C 76 8.52 -10.79 -13.24
CA GLU C 76 8.11 -10.98 -11.90
C GLU C 76 8.95 -12.00 -11.18
N LYS C 77 9.11 -11.83 -9.87
N LYS C 77 9.03 -11.87 -9.87
CA LYS C 77 9.84 -12.75 -9.02
CA LYS C 77 9.76 -12.78 -9.04
C LYS C 77 8.93 -13.17 -7.89
C LYS C 77 8.90 -13.17 -7.88
N ILE C 78 8.97 -14.44 -7.56
CA ILE C 78 8.13 -15.05 -6.55
C ILE C 78 8.95 -15.54 -5.40
N SER C 79 8.63 -15.05 -4.21
CA SER C 79 9.32 -15.43 -3.00
C SER C 79 8.41 -16.13 -2.05
N MET C 80 9.01 -16.99 -1.25
N MET C 80 9.02 -16.93 -1.21
CA MET C 80 8.32 -17.73 -0.20
CA MET C 80 8.30 -17.64 -0.18
C MET C 80 8.57 -16.95 1.10
C MET C 80 8.58 -16.93 1.12
N LEU C 81 7.69 -17.14 2.08
CA LEU C 81 7.81 -16.48 3.37
C LEU C 81 8.64 -17.28 4.40
N GLU C 82 9.66 -16.65 4.97
N GLU C 82 9.67 -16.69 5.00
CA GLU C 82 10.35 -17.21 6.14
CA GLU C 82 10.29 -17.32 6.17
C GLU C 82 9.40 -17.08 7.34
C GLU C 82 9.35 -17.10 7.36
N LYS C 83 8.89 -15.87 7.57
CA LYS C 83 8.18 -15.54 8.76
C LYS C 83 7.22 -14.34 8.62
N ILE C 84 6.04 -14.47 9.23
CA ILE C 84 5.09 -13.36 9.37
C ILE C 84 5.15 -12.83 10.77
N TYR C 85 5.12 -11.50 10.91
CA TYR C 85 5.02 -10.76 12.14
C TYR C 85 3.82 -9.78 12.09
N ILE C 86 2.78 -10.10 12.82
CA ILE C 86 1.65 -9.22 13.04
C ILE C 86 1.81 -8.32 14.28
N HIS C 87 1.42 -7.04 14.19
CA HIS C 87 1.61 -6.14 15.28
C HIS C 87 0.89 -6.71 16.51
N PRO C 88 1.58 -6.74 17.69
CA PRO C 88 0.99 -7.50 18.84
C PRO C 88 -0.29 -6.86 19.35
N ARG C 89 -0.46 -5.56 19.12
CA ARG C 89 -1.66 -4.80 19.49
C ARG C 89 -2.71 -4.55 18.36
N TYR C 90 -2.64 -5.38 17.33
CA TYR C 90 -3.53 -5.27 16.18
C TYR C 90 -4.91 -5.57 16.71
N ASN C 91 -5.84 -4.68 16.46
CA ASN C 91 -7.20 -4.87 16.99
C ASN C 91 -8.23 -5.22 15.94
N TRP C 92 -8.34 -6.49 15.65
CA TRP C 92 -9.29 -6.94 14.68
C TRP C 92 -10.74 -6.90 15.17
N ARG C 93 -10.96 -6.85 16.49
CA ARG C 93 -12.32 -6.93 17.07
C ARG C 93 -13.15 -5.68 16.78
N GLU C 94 -12.56 -4.51 16.97
CA GLU C 94 -13.26 -3.26 16.84
C GLU C 94 -13.01 -2.55 15.47
N ASN C 95 -11.82 -1.98 15.24
CA ASN C 95 -11.60 -0.94 14.23
C ASN C 95 -10.30 -1.08 13.40
N LEU C 96 -9.68 -2.25 13.44
CA LEU C 96 -8.41 -2.55 12.77
C LEU C 96 -7.30 -1.61 13.17
N ASP C 97 -7.32 -1.18 14.40
CA ASP C 97 -6.23 -0.34 14.92
C ASP C 97 -4.90 -1.10 14.78
N ARG C 98 -3.88 -0.41 14.27
CA ARG C 98 -2.56 -1.01 14.02
C ARG C 98 -2.65 -2.11 12.99
N ASP C 99 -3.25 -1.81 11.86
CA ASP C 99 -3.46 -2.79 10.79
C ASP C 99 -2.18 -2.90 9.99
N ILE C 100 -1.22 -3.65 10.55
CA ILE C 100 0.15 -3.74 10.00
C ILE C 100 0.85 -5.08 10.31
N ALA C 101 1.61 -5.57 9.34
CA ALA C 101 2.30 -6.85 9.44
C ALA C 101 3.52 -6.80 8.56
N LEU C 102 4.59 -7.53 8.95
CA LEU C 102 5.82 -7.60 8.23
C LEU C 102 6.00 -9.02 7.79
N MET C 103 6.52 -9.21 6.59
CA MET C 103 6.78 -10.55 6.10
C MET C 103 8.24 -10.61 5.69
N LYS C 104 9.00 -11.57 6.27
CA LYS C 104 10.38 -11.84 5.90
C LYS C 104 10.43 -12.88 4.78
N LEU C 105 11.14 -12.54 3.74
CA LEU C 105 11.28 -13.47 2.62
C LEU C 105 12.36 -14.56 2.97
N LYS C 106 12.24 -15.79 2.45
CA LYS C 106 13.33 -16.78 2.63
C LYS C 106 14.66 -16.31 2.06
N LYS C 107 14.66 -15.62 0.92
CA LYS C 107 15.91 -15.16 0.31
C LYS C 107 15.77 -13.73 -0.16
N PRO C 108 16.83 -12.95 -0.09
CA PRO C 108 16.68 -11.66 -0.71
C PRO C 108 16.26 -11.68 -2.19
N VAL C 109 15.62 -10.62 -2.62
CA VAL C 109 15.16 -10.52 -3.99
C VAL C 109 16.15 -9.61 -4.67
N ALA C 110 16.44 -9.92 -5.93
CA ALA C 110 17.37 -9.11 -6.71
C ALA C 110 16.50 -8.02 -7.36
N PHE C 111 16.97 -6.80 -7.21
CA PHE C 111 16.29 -5.67 -7.72
C PHE C 111 16.43 -5.62 -9.21
N SER C 112 15.59 -4.81 -9.84
CA SER C 112 15.58 -4.70 -11.30
C SER C 112 14.94 -3.40 -11.62
N ASP C 113 14.72 -3.15 -12.89
CA ASP C 113 13.87 -2.03 -13.29
C ASP C 113 12.43 -2.08 -12.80
N TYR C 114 11.91 -3.26 -12.51
CA TYR C 114 10.52 -3.52 -12.16
C TYR C 114 10.39 -3.78 -10.68
N ILE C 115 11.54 -3.83 -9.99
CA ILE C 115 11.57 -4.25 -8.58
C ILE C 115 12.56 -3.43 -7.78
N HIS C 116 12.03 -2.67 -6.86
CA HIS C 116 12.83 -1.71 -6.16
C HIS C 116 12.10 -1.22 -4.92
N PRO C 117 12.78 -1.13 -3.78
CA PRO C 117 12.14 -0.79 -2.54
C PRO C 117 11.77 0.68 -2.43
N VAL C 118 10.78 0.95 -1.60
CA VAL C 118 10.29 2.33 -1.28
C VAL C 118 10.97 2.76 0.02
N CYS C 119 11.14 4.05 0.27
CA CYS C 119 11.59 4.51 1.64
C CYS C 119 10.49 4.58 2.69
N LEU C 120 10.89 4.33 3.94
CA LEU C 120 10.06 4.66 5.07
C LEU C 120 10.44 6.03 5.60
N PRO C 121 9.47 6.87 5.96
CA PRO C 121 9.78 8.24 6.44
C PRO C 121 10.40 8.27 7.86
N ASP C 122 11.39 9.12 8.03
CA ASP C 122 11.78 9.60 9.36
C ASP C 122 10.79 10.70 9.86
N ARG C 123 10.91 11.04 11.15
CA ARG C 123 10.09 12.07 11.82
C ARG C 123 9.92 13.38 11.03
N GLU C 124 11.02 13.91 10.55
CA GLU C 124 10.98 15.14 9.79
C GLU C 124 10.14 14.99 8.57
N THR C 125 10.32 13.86 7.90
CA THR C 125 9.72 13.67 6.61
C THR C 125 8.21 13.50 6.75
N ALA C 126 7.81 12.72 7.76
CA ALA C 126 6.39 12.56 8.16
C ALA C 126 5.69 13.88 8.44
N ALA C 127 6.24 14.63 9.36
CA ALA C 127 5.71 15.93 9.67
C ALA C 127 5.67 16.81 8.42
N SER C 128 6.72 16.83 7.65
CA SER C 128 6.70 17.70 6.49
C SER C 128 5.57 17.29 5.50
N LEU C 129 5.35 15.99 5.32
CA LEU C 129 4.49 15.51 4.23
C LEU C 129 3.08 15.16 4.66
N LEU C 130 2.87 14.73 5.90
CA LEU C 130 1.54 14.27 6.30
C LEU C 130 0.71 15.45 6.69
N GLN C 131 0.30 16.25 5.74
CA GLN C 131 -0.52 17.39 6.00
C GLN C 131 -1.76 17.38 5.09
N ALA C 132 -2.86 17.76 5.69
CA ALA C 132 -4.10 17.85 4.98
C ALA C 132 -4.03 18.66 3.70
N GLY C 133 -4.62 18.14 2.63
CA GLY C 133 -4.58 18.79 1.34
C GLY C 133 -3.44 18.33 0.47
N TYR C 134 -2.35 17.86 1.08
CA TYR C 134 -1.27 17.26 0.24
C TYR C 134 -1.76 15.90 -0.31
N LYS C 135 -1.43 15.63 -1.55
CA LYS C 135 -1.77 14.41 -2.23
C LYS C 135 -0.68 13.34 -2.13
N GLY C 136 -1.16 12.09 -1.96
CA GLY C 136 -0.38 10.90 -2.09
C GLY C 136 -1.02 10.02 -3.15
N ARG C 137 -0.43 8.84 -3.33
CA ARG C 137 -0.72 7.91 -4.36
C ARG C 137 -0.92 6.50 -3.82
N VAL C 138 -1.97 5.86 -4.31
CA VAL C 138 -2.36 4.56 -3.92
C VAL C 138 -2.44 3.68 -5.12
N THR C 139 -2.10 2.40 -4.96
CA THR C 139 -1.96 1.48 -6.05
C THR C 139 -2.50 0.13 -5.70
N GLY C 140 -3.09 -0.55 -6.67
CA GLY C 140 -3.61 -1.90 -6.37
C GLY C 140 -4.26 -2.64 -7.48
N TRP C 141 -4.46 -3.93 -7.28
CA TRP C 141 -5.20 -4.72 -8.20
C TRP C 141 -6.61 -5.04 -7.66
N GLY C 142 -7.11 -4.30 -6.69
CA GLY C 142 -8.38 -4.55 -6.09
C GLY C 142 -9.52 -4.08 -6.99
N ASN C 143 -10.72 -4.05 -6.45
CA ASN C 143 -11.92 -3.89 -7.26
C ASN C 143 -12.02 -2.48 -7.74
N LEU C 144 -12.61 -2.34 -8.93
CA LEU C 144 -12.80 -1.10 -9.64
C LEU C 144 -14.02 -0.42 -9.15
N LYS C 145 -14.84 -1.11 -8.36
CA LYS C 145 -15.95 -0.46 -7.67
C LYS C 145 -16.51 -1.29 -6.60
N GLU C 146 -17.32 -0.65 -5.80
CA GLU C 146 -18.04 -1.34 -4.74
C GLU C 146 -18.84 -2.40 -5.43
N THR C 147 -18.79 -3.66 -5.01
CA THR C 147 -19.47 -4.67 -5.84
C THR C 147 -20.82 -5.10 -5.20
N TRP C 148 -21.90 -5.04 -6.01
CA TRP C 148 -23.31 -5.28 -5.56
C TRP C 148 -23.93 -6.56 -6.08
N THR C 149 -23.17 -7.36 -6.84
CA THR C 149 -23.66 -8.63 -7.38
C THR C 149 -22.88 -9.82 -6.78
N ALA C 150 -22.41 -9.66 -5.53
CA ALA C 150 -21.62 -10.68 -4.78
C ALA C 150 -20.28 -11.08 -5.42
N ASN C 151 -20.27 -11.49 -6.70
CA ASN C 151 -19.03 -11.78 -7.49
C ASN C 151 -19.14 -11.37 -8.98
N VAL C 152 -18.09 -10.72 -9.50
CA VAL C 152 -18.00 -10.32 -10.93
C VAL C 152 -16.57 -10.45 -11.50
N GLY C 153 -16.47 -10.62 -12.82
CA GLY C 153 -15.21 -10.49 -13.58
C GLY C 153 -15.00 -9.08 -14.17
N LYS C 154 -16.04 -8.27 -14.09
CA LYS C 154 -16.08 -6.87 -14.56
C LYS C 154 -15.66 -5.87 -13.40
N GLY C 155 -15.54 -6.41 -12.17
CA GLY C 155 -15.06 -5.68 -10.99
C GLY C 155 -13.56 -5.53 -10.94
N GLN C 156 -12.83 -6.32 -11.73
CA GLN C 156 -11.38 -6.42 -11.67
C GLN C 156 -10.57 -5.91 -12.82
N PRO C 157 -9.49 -5.18 -12.53
CA PRO C 157 -8.64 -4.62 -13.56
C PRO C 157 -7.72 -5.67 -14.19
N SER C 158 -7.26 -5.45 -15.39
CA SER C 158 -6.29 -6.38 -15.97
C SER C 158 -4.90 -5.98 -15.57
N VAL C 159 -4.64 -4.69 -15.29
CA VAL C 159 -3.32 -4.24 -14.82
C VAL C 159 -3.41 -3.36 -13.60
N LEU C 160 -2.26 -3.18 -12.95
CA LEU C 160 -2.17 -2.48 -11.71
C LEU C 160 -2.81 -1.11 -11.86
N GLN C 161 -3.67 -0.68 -10.90
CA GLN C 161 -4.30 0.66 -10.94
C GLN C 161 -3.61 1.64 -9.99
N VAL C 162 -3.72 2.92 -10.36
CA VAL C 162 -3.16 4.00 -9.61
C VAL C 162 -4.15 5.17 -9.48
N VAL C 163 -4.17 5.80 -8.32
CA VAL C 163 -4.90 6.99 -8.12
C VAL C 163 -4.19 7.92 -7.10
N ASN C 164 -4.27 9.23 -7.31
CA ASN C 164 -3.74 10.19 -6.37
C ASN C 164 -4.89 10.81 -5.55
N LEU C 165 -4.73 10.96 -4.24
CA LEU C 165 -5.75 11.39 -3.40
C LEU C 165 -5.21 12.28 -2.34
N PRO C 166 -6.01 13.31 -1.93
CA PRO C 166 -5.52 14.21 -0.90
C PRO C 166 -5.81 13.67 0.48
N ILE C 167 -4.94 14.03 1.39
CA ILE C 167 -5.06 13.71 2.78
C ILE C 167 -6.12 14.64 3.38
N VAL C 168 -6.84 14.16 4.36
CA VAL C 168 -7.99 14.86 4.88
C VAL C 168 -7.77 15.20 6.33
N GLU C 169 -8.30 16.35 6.79
CA GLU C 169 -8.20 16.81 8.23
C GLU C 169 -8.86 15.83 9.14
N ARG C 170 -8.26 15.58 10.30
N ARG C 170 -8.25 15.53 10.27
CA ARG C 170 -8.76 14.61 11.27
CA ARG C 170 -8.82 14.60 11.26
C ARG C 170 -10.22 14.79 11.72
C ARG C 170 -10.32 14.82 11.44
N PRO C 171 -10.75 16.05 11.80
CA PRO C 171 -12.17 16.25 12.12
C PRO C 171 -13.12 15.73 11.07
N VAL C 172 -12.78 15.98 9.82
CA VAL C 172 -13.56 15.47 8.68
C VAL C 172 -13.53 13.95 8.69
N CYS C 173 -12.37 13.34 8.88
CA CYS C 173 -12.27 11.89 8.98
C CYS C 173 -13.20 11.43 10.07
N LYS C 174 -13.07 12.03 11.25
CA LYS C 174 -13.78 11.60 12.49
C LYS C 174 -15.32 11.69 12.30
N ASP C 175 -15.78 12.74 11.62
CA ASP C 175 -17.22 12.91 11.41
C ASP C 175 -17.76 12.03 10.32
N SER C 176 -16.94 11.53 9.41
CA SER C 176 -17.44 10.77 8.29
C SER C 176 -17.86 9.35 8.66
N THR C 177 -17.60 8.89 9.88
CA THR C 177 -17.88 7.50 10.24
C THR C 177 -18.08 7.43 11.74
N ARG C 178 -18.69 6.35 12.17
CA ARG C 178 -18.87 6.05 13.59
C ARG C 178 -17.87 5.06 14.12
N ILE C 179 -17.08 4.43 13.25
CA ILE C 179 -15.99 3.59 13.67
C ILE C 179 -14.98 4.50 14.36
N ARG C 180 -14.43 4.04 15.47
CA ARG C 180 -13.49 4.85 16.25
C ARG C 180 -12.10 4.94 15.58
N ILE C 181 -11.71 6.14 15.20
CA ILE C 181 -10.46 6.35 14.52
C ILE C 181 -9.38 6.65 15.56
N THR C 182 -8.15 6.29 15.23
CA THR C 182 -7.03 6.43 16.14
C THR C 182 -5.92 7.21 15.52
N ASP C 183 -4.91 7.51 16.32
CA ASP C 183 -3.70 8.13 15.80
C ASP C 183 -2.86 7.15 14.95
N ASN C 184 -3.19 5.86 14.94
CA ASN C 184 -2.55 4.93 14.00
C ASN C 184 -3.15 4.84 12.59
N MET C 185 -3.97 5.83 12.24
CA MET C 185 -4.71 5.93 11.00
C MET C 185 -4.73 7.35 10.51
N PHE C 186 -4.86 7.50 9.19
CA PHE C 186 -5.24 8.73 8.58
C PHE C 186 -6.18 8.40 7.43
N CYS C 187 -6.88 9.41 6.95
CA CYS C 187 -7.81 9.19 5.86
C CYS C 187 -7.48 10.12 4.68
N ALA C 188 -7.94 9.75 3.52
CA ALA C 188 -7.64 10.44 2.30
C ALA C 188 -8.76 10.24 1.34
N GLY C 189 -8.94 11.21 0.47
CA GLY C 189 -9.96 11.15 -0.54
C GLY C 189 -10.51 12.55 -0.74
N TYR C 190 -11.13 12.78 -1.89
CA TYR C 190 -11.80 14.07 -2.17
C TYR C 190 -13.13 14.24 -1.39
N LYS C 191 -13.40 15.47 -0.98
CA LYS C 191 -14.68 15.86 -0.44
C LYS C 191 -15.72 15.92 -1.54
N PRO C 192 -16.98 15.67 -1.19
CA PRO C 192 -18.06 15.76 -2.19
C PRO C 192 -18.03 17.08 -2.97
N ASP C 193 -17.78 18.20 -2.24
CA ASP C 193 -17.57 19.49 -2.94
C ASP C 193 -16.47 19.46 -4.07
N GLU C 194 -15.27 18.88 -3.81
CA GLU C 194 -14.12 19.01 -4.72
C GLU C 194 -14.35 18.48 -6.12
N GLY C 195 -15.46 17.78 -6.36
CA GLY C 195 -15.75 17.32 -7.73
C GLY C 195 -14.99 16.10 -8.29
N LYS C 196 -13.65 16.12 -8.18
CA LYS C 196 -12.82 14.90 -8.38
C LYS C 196 -13.18 13.70 -7.42
N ARG C 197 -12.85 12.49 -7.85
CA ARG C 197 -13.16 11.26 -7.09
C ARG C 197 -11.97 10.28 -7.01
N GLY C 198 -12.18 9.20 -6.23
CA GLY C 198 -11.29 8.10 -6.23
C GLY C 198 -11.10 7.56 -4.85
N ASP C 199 -10.80 6.25 -4.81
CA ASP C 199 -10.61 5.57 -3.57
C ASP C 199 -9.92 4.25 -3.83
N ALA C 200 -9.44 3.64 -2.75
CA ALA C 200 -9.06 2.25 -2.78
C ALA C 200 -10.32 1.46 -2.52
N CYS C 201 -10.23 0.15 -2.67
CA CYS C 201 -11.36 -0.69 -2.50
C CYS C 201 -10.93 -2.05 -1.97
N GLU C 202 -11.88 -2.98 -1.84
CA GLU C 202 -11.58 -4.37 -1.40
C GLU C 202 -10.58 -4.99 -2.36
N GLY C 203 -9.62 -5.74 -1.81
CA GLY C 203 -8.46 -6.21 -2.53
C GLY C 203 -7.20 -5.32 -2.59
N ASP C 204 -7.35 -4.05 -2.27
CA ASP C 204 -6.23 -3.15 -2.29
C ASP C 204 -5.52 -3.08 -0.97
N SER C 205 -6.08 -3.70 0.08
CA SER C 205 -5.41 -3.66 1.39
C SER C 205 -4.00 -4.14 1.33
N GLY C 206 -3.16 -3.52 2.16
CA GLY C 206 -1.72 -3.83 2.26
C GLY C 206 -0.92 -3.00 1.28
N GLY C 207 -1.59 -2.39 0.31
CA GLY C 207 -0.93 -1.59 -0.66
C GLY C 207 -0.51 -0.30 -0.06
N PRO C 208 0.51 0.30 -0.63
CA PRO C 208 1.05 1.52 -0.08
C PRO C 208 0.39 2.78 -0.53
N PHE C 209 0.37 3.76 0.36
CA PHE C 209 0.03 5.15 0.08
C PHE C 209 1.37 5.86 0.11
N VAL C 210 1.83 6.37 -1.03
CA VAL C 210 3.17 6.94 -1.09
C VAL C 210 3.16 8.41 -1.46
N MET C 211 4.20 9.14 -1.04
CA MET C 211 4.35 10.54 -1.40
C MET C 211 5.75 10.81 -1.88
N LYS C 212 5.85 11.69 -2.88
CA LYS C 212 7.15 12.08 -3.41
C LYS C 212 7.67 13.32 -2.74
N SER C 213 8.82 13.22 -2.05
CA SER C 213 9.43 14.38 -1.39
C SER C 213 9.89 15.38 -2.42
N PRO C 214 9.45 16.61 -2.29
CA PRO C 214 9.93 17.69 -3.17
C PRO C 214 11.40 18.12 -2.80
N PHE C 215 11.90 17.73 -1.60
CA PHE C 215 13.28 17.97 -1.15
C PHE C 215 14.33 17.02 -1.78
N ASN C 216 14.18 15.71 -1.66
CA ASN C 216 15.17 14.76 -2.22
C ASN C 216 14.70 13.93 -3.43
N ASN C 217 13.51 14.19 -3.93
CA ASN C 217 12.97 13.42 -5.08
C ASN C 217 12.60 11.95 -4.87
N ARG C 218 12.58 11.48 -3.61
CA ARG C 218 12.35 10.10 -3.28
C ARG C 218 10.88 9.84 -2.91
N TRP C 219 10.47 8.60 -3.15
CA TRP C 219 9.15 8.18 -2.75
C TRP C 219 9.20 7.59 -1.35
N TYR C 220 8.34 8.09 -0.48
CA TYR C 220 8.13 7.56 0.88
C TYR C 220 6.71 6.93 1.05
N GLN C 221 6.66 5.77 1.75
CA GLN C 221 5.44 5.12 2.09
C GLN C 221 4.93 5.63 3.40
N MET C 222 3.88 6.42 3.37
CA MET C 222 3.30 7.01 4.56
C MET C 222 2.16 6.17 5.06
N GLY C 223 1.47 5.45 4.17
CA GLY C 223 0.39 4.59 4.66
C GLY C 223 0.24 3.22 4.03
N ILE C 224 -0.68 2.47 4.62
CA ILE C 224 -1.09 1.17 4.17
C ILE C 224 -2.60 1.16 3.99
N VAL C 225 -3.08 0.75 2.82
CA VAL C 225 -4.54 0.67 2.62
C VAL C 225 -5.08 -0.27 3.71
N SER C 226 -6.03 0.22 4.51
CA SER C 226 -6.55 -0.54 5.64
C SER C 226 -8.05 -0.81 5.57
N TRP C 227 -8.84 0.23 5.51
CA TRP C 227 -10.29 0.01 5.56
C TRP C 227 -11.08 1.16 4.99
N GLY C 228 -12.35 0.88 4.77
CA GLY C 228 -13.36 1.88 4.44
C GLY C 228 -14.78 1.40 4.55
N GLU C 229 -15.71 2.26 4.24
CA GLU C 229 -17.13 1.87 4.18
C GLU C 229 -17.64 2.10 2.77
N GLY C 230 -17.96 1.01 2.11
CA GLY C 230 -18.13 1.04 0.64
C GLY C 230 -16.83 1.49 -0.02
N CYS C 231 -16.91 2.04 -1.24
CA CYS C 231 -15.76 2.54 -1.95
C CYS C 231 -16.22 3.69 -2.75
N ASP C 232 -15.55 4.83 -2.56
CA ASP C 232 -15.73 6.02 -3.38
C ASP C 232 -17.10 6.63 -3.18
N ARG C 233 -17.67 6.46 -2.01
CA ARG C 233 -18.96 7.11 -1.67
C ARG C 233 -18.78 8.54 -1.27
N ASP C 234 -19.78 9.39 -1.51
CA ASP C 234 -19.62 10.78 -1.24
C ASP C 234 -19.75 10.91 0.25
N GLY C 235 -18.80 11.60 0.82
CA GLY C 235 -18.78 11.82 2.24
C GLY C 235 -18.08 10.75 3.04
N LYS C 236 -17.63 9.68 2.37
CA LYS C 236 -16.68 8.75 2.95
C LYS C 236 -15.25 8.93 2.42
N TYR C 237 -14.32 8.42 3.21
CA TYR C 237 -12.88 8.52 2.93
C TYR C 237 -12.25 7.15 3.21
N GLY C 238 -11.19 6.85 2.47
CA GLY C 238 -10.39 5.66 2.70
C GLY C 238 -9.49 5.88 3.89
N PHE C 239 -9.36 4.83 4.68
CA PHE C 239 -8.53 4.81 5.89
C PHE C 239 -7.28 3.96 5.64
N TYR C 240 -6.17 4.49 6.15
CA TYR C 240 -4.80 4.03 5.89
C TYR C 240 -4.10 3.86 7.26
N THR C 241 -3.42 2.72 7.50
CA THR C 241 -2.56 2.61 8.64
C THR C 241 -1.44 3.66 8.57
N HIS C 242 -1.18 4.29 9.72
CA HIS C 242 -0.24 5.43 9.75
C HIS C 242 1.18 4.86 9.96
N VAL C 243 1.96 4.78 8.89
CA VAL C 243 3.24 4.05 8.95
C VAL C 243 4.26 4.65 9.92
N PHE C 244 4.51 5.95 9.85
CA PHE C 244 5.41 6.57 10.80
C PHE C 244 5.05 6.36 12.28
N ARG C 245 3.76 6.41 12.67
CA ARG C 245 3.41 6.19 14.07
C ARG C 245 3.77 4.79 14.48
N LEU C 246 3.89 3.84 13.56
CA LEU C 246 4.26 2.47 13.98
C LEU C 246 5.73 2.12 13.66
N LYS C 247 6.56 3.14 13.35
CA LYS C 247 7.90 2.84 12.86
C LYS C 247 8.80 2.17 13.92
N LYS C 248 8.59 2.48 15.18
CA LYS C 248 9.37 1.82 16.24
C LYS C 248 9.13 0.33 16.29
N TRP C 249 7.90 -0.10 16.11
CA TRP C 249 7.65 -1.53 16.02
C TRP C 249 8.32 -2.14 14.72
N ILE C 250 8.28 -1.38 13.63
CA ILE C 250 8.85 -1.85 12.41
C ILE C 250 10.39 -2.03 12.61
N GLN C 251 11.11 -0.97 13.02
N GLN C 251 11.16 -0.99 12.98
CA GLN C 251 12.54 -1.03 13.35
CA GLN C 251 12.60 -1.18 13.20
C GLN C 251 12.84 -2.17 14.29
C GLN C 251 12.88 -2.21 14.30
N LYS C 252 12.07 -2.30 15.36
CA LYS C 252 12.31 -3.34 16.36
C LYS C 252 12.26 -4.71 15.72
N VAL C 253 11.29 -4.97 14.87
CA VAL C 253 11.20 -6.30 14.27
C VAL C 253 12.33 -6.56 13.27
N ILE C 254 12.69 -5.55 12.52
CA ILE C 254 13.73 -5.74 11.54
C ILE C 254 15.11 -5.88 12.22
N ASP C 255 15.43 -5.11 13.27
CA ASP C 255 16.71 -5.23 14.03
C ASP C 255 16.88 -6.54 14.76
N GLN C 256 15.85 -6.95 15.47
CA GLN C 256 15.90 -8.19 16.21
C GLN C 256 16.00 -9.44 15.34
N PHE C 257 15.06 -9.65 14.43
CA PHE C 257 14.96 -10.91 13.65
C PHE C 257 15.60 -10.77 12.26
N GLY C 258 16.65 -9.97 12.16
CA GLY C 258 17.09 -9.37 10.90
C GLY C 258 18.44 -9.75 10.32
N GLU C 259 18.38 -10.17 9.05
CA GLU C 259 19.57 -10.39 8.22
C GLU C 259 19.63 -9.34 7.10
K K D . 3.59 -15.47 -25.08
N 0G6 E . -15.68 -2.21 5.18
CA 0G6 E . -15.07 -2.73 6.39
C 0G6 E . -13.60 -2.86 6.06
O 0G6 E . -13.03 -1.99 5.42
CB 0G6 E . -15.28 -1.70 7.47
CG 0G6 E . -14.67 -2.12 8.77
CD1 0G6 E . -13.61 -1.40 9.29
CD2 0G6 E . -15.16 -3.21 9.50
CE1 0G6 E . -13.00 -1.77 10.47
CE2 0G6 E . -14.54 -3.61 10.71
CZ 0G6 E . -13.47 -2.89 11.20
N1 0G6 E . -12.99 -3.96 6.40
CA1 0G6 E . -11.59 -4.13 5.99
C1 0G6 E . -11.38 -4.28 4.51
O1 0G6 E . -12.26 -4.86 3.84
CB1 0G6 E . -11.14 -5.41 6.65
CG1 0G6 E . -12.27 -5.77 7.63
CD 0G6 E . -13.52 -5.11 7.10
N2 0G6 E . -10.23 -3.70 4.06
CA2 0G6 E . -9.94 -3.79 2.66
C2 0G6 E . -8.78 -4.73 2.44
O2 0G6 E . -8.62 -5.19 1.11
CB2 0G6 E . -9.63 -2.40 2.16
CG2 0G6 E . -10.87 -1.59 2.08
CD3 0G6 E . -10.53 -0.18 1.69
NE 0G6 E . -11.77 0.53 1.38
CZ1 0G6 E . -11.85 1.79 0.96
NH1 0G6 E . -10.77 2.56 0.81
NH2 0G6 E . -13.03 2.35 0.65
C3 0G6 E . -8.77 -6.02 3.26
NA NA F . -15.40 9.68 -0.97
C1 NAG G . -4.10 -18.49 13.05
C2 NAG G . -4.11 -18.62 14.65
C3 NAG G . -3.01 -19.53 15.26
C4 NAG G . -3.19 -20.92 14.70
C5 NAG G . -3.16 -20.85 13.17
C6 NAG G . -3.58 -22.19 12.58
C7 NAG G . -5.19 -16.79 15.96
C8 NAG G . -4.91 -15.51 16.71
N2 NAG G . -4.09 -17.37 15.41
O3 NAG G . -3.06 -19.70 16.70
O4 NAG G . -2.14 -21.74 15.21
O5 NAG G . -4.04 -19.84 12.62
O6 NAG G . -2.43 -22.79 11.97
O7 NAG G . -6.34 -17.22 15.83
#